data_4B5R
#
_entry.id   4B5R
#
_cell.length_a   58.720
_cell.length_b   58.720
_cell.length_c   154.710
_cell.angle_alpha   90.00
_cell.angle_beta   90.00
_cell.angle_gamma   90.00
#
_symmetry.space_group_name_H-M   'P 43 21 2'
#
loop_
_entity.id
_entity.type
_entity.pdbx_description
1 polymer 'SAM-I RIBOSWITCH'
2 non-polymer S-ADENOSYLMETHIONINE
3 non-polymer 'BARIUM ION'
4 non-polymer 'POTASSIUM ION'
#
_entity_poly.entity_id   1
_entity_poly.type   'polyribonucleotide'
_entity_poly.pdbx_seq_one_letter_code
;GGCUUAUCAAGAGAGGGGGAGCGACUGGCGCGAAGAACCCCGGCAACCAGAAAUGGUGCCAAUUCCUGCAGCGGAAACGU
UGAAAGAUGAGCCG
;
_entity_poly.pdbx_strand_id   A
#
loop_
_chem_comp.id
_chem_comp.type
_chem_comp.name
_chem_comp.formula
A RNA linking ADENOSINE-5'-MONOPHOSPHATE 'C10 H14 N5 O7 P'
BA non-polymer 'BARIUM ION' 'Ba 2'
C RNA linking CYTIDINE-5'-MONOPHOSPHATE 'C9 H14 N3 O8 P'
G RNA linking GUANOSINE-5'-MONOPHOSPHATE 'C10 H14 N5 O8 P'
K non-polymer 'POTASSIUM ION' 'K 1'
SAM non-polymer S-ADENOSYLMETHIONINE 'C15 H22 N6 O5 S'
U RNA linking URIDINE-5'-MONOPHOSPHATE 'C9 H13 N2 O9 P'
#
# COMPACT_ATOMS: atom_id res chain seq x y z
N SAM B . 1.61 1.19 0.95
CA SAM B . 0.56 1.67 -0.02
C SAM B . 0.94 3.06 -0.51
O SAM B . 0.13 3.71 -1.17
OXT SAM B . 2.04 3.59 -0.30
CB SAM B . -0.87 1.63 0.56
CG SAM B . -1.69 0.34 0.31
SD SAM B . -3.40 0.23 0.95
CE SAM B . -4.29 1.35 -0.17
C5' SAM B . -3.37 1.27 2.44
C4' SAM B . -2.84 0.47 3.62
O4' SAM B . -1.51 0.00 3.41
C3' SAM B . -2.74 1.27 4.88
O3' SAM B . -4.00 1.39 5.47
C2' SAM B . -1.79 0.41 5.68
O2' SAM B . -2.49 -0.65 6.31
C1' SAM B . -0.84 -0.17 4.64
N9 SAM B . 0.51 0.44 4.62
C8 SAM B . 1.70 -0.26 4.68
N7 SAM B . 2.73 0.61 4.63
C5 SAM B . 2.24 1.85 4.53
C6 SAM B . 2.86 3.09 4.44
N6 SAM B . 4.18 3.18 4.45
N1 SAM B . 2.07 4.22 4.34
C2 SAM B . 0.69 4.15 4.33
N3 SAM B . 0.09 2.90 4.42
C4 SAM B . 0.85 1.77 4.52
BA BA C . -9.36 -7.77 -17.62
K K D . -1.12 9.94 -9.04
K K E . 4.73 9.00 15.13
BA BA F . -10.26 -2.85 -9.21
K K G . -19.48 1.70 -8.73
BA BA H . -2.63 4.38 -4.26
K K I . -26.01 1.05 -12.21
K K J . -13.12 -5.73 0.97
BA BA K . 15.57 0.13 -12.41
BA BA L . 21.74 9.21 -2.97
BA BA M . 0.92 -23.10 12.15
BA BA N . 17.43 -1.04 -17.65
BA BA O . -7.35 -9.17 3.33
BA BA P . 2.96 0.54 -27.59
BA BA Q . -3.10 -16.56 2.46
BA BA R . 14.43 0.42 0.87
BA BA S . -0.07 -19.48 9.39
K K T . 11.24 2.89 6.08
K K U . 10.12 3.71 -10.67
#